data_6YX1
#
_entry.id   6YX1
#
_cell.length_a   44.668
_cell.length_b   65.912
_cell.length_c   85.637
_cell.angle_alpha   90.000
_cell.angle_beta   90.000
_cell.angle_gamma   90.000
#
_symmetry.space_group_name_H-M   'P 21 21 21'
#
loop_
_entity.id
_entity.type
_entity.pdbx_description
1 polymer 'SH3 and multiple ankyrin repeat domains protein 1'
2 non-polymer '2-[[2-(5-oxidanylidenepentanoyl)hydrazinyl]methyl]benzoic acid'
3 non-polymer THREONINE
4 non-polymer ARGININE
5 non-polymer LEUCINE
6 water water
#
_entity_poly.entity_id   1
_entity_poly.type   'polypeptide(L)'
_entity_poly.pdbx_seq_one_letter_code
;GPLGSDYIIKEKTVLLQKKDSEGFGFVLRGAKAQTPIEEFTPTPAFPALQYLESVDEGGVAWRAGLRMGDFLIEVNGQNV
VKVGHRQVVNMIRQGGNTLMVKVVMVTRHPDM
;
_entity_poly.pdbx_strand_id   A,B
#
loop_
_chem_comp.id
_chem_comp.type
_chem_comp.name
_chem_comp.formula
PWT non-polymer '2-[[2-(5-oxidanylidenepentanoyl)hydrazinyl]methyl]benzoic acid' 'C13 H16 N2 O4'
#
# COMPACT_ATOMS: atom_id res chain seq x y z
N GLY A 1 14.84 -8.58 3.12
CA GLY A 1 15.28 -9.96 2.94
C GLY A 1 15.95 -10.24 1.60
N PRO A 2 16.37 -11.49 1.38
CA PRO A 2 17.01 -11.83 0.12
C PRO A 2 16.07 -11.75 -1.08
N LEU A 3 14.76 -11.76 -0.84
CA LEU A 3 13.78 -11.69 -1.92
C LEU A 3 13.26 -10.27 -2.17
N GLY A 4 13.65 -9.29 -1.38
CA GLY A 4 13.20 -7.93 -1.62
C GLY A 4 13.24 -7.09 -0.37
N SER A 5 12.91 -5.80 -0.58
CA SER A 5 13.00 -4.81 0.48
C SER A 5 11.97 -5.07 1.57
N ASP A 6 12.34 -4.72 2.80
CA ASP A 6 11.42 -4.80 3.92
C ASP A 6 11.19 -3.40 4.45
N TYR A 7 10.00 -3.17 5.01
CA TYR A 7 9.65 -1.87 5.55
C TYR A 7 8.94 -2.04 6.89
N ILE A 8 8.93 -0.96 7.65
CA ILE A 8 7.96 -0.77 8.71
C ILE A 8 7.02 0.33 8.26
N ILE A 9 5.71 0.09 8.34
CA ILE A 9 4.69 1.09 8.02
C ILE A 9 4.02 1.49 9.33
N LYS A 10 4.04 2.79 9.64
CA LYS A 10 3.45 3.27 10.87
C LYS A 10 2.34 4.23 10.49
N GLU A 11 1.09 3.84 10.75
CA GLU A 11 -0.03 4.69 10.42
C GLU A 11 -0.25 5.66 11.56
N LYS A 12 -0.58 6.90 11.22
CA LYS A 12 -0.88 7.91 12.24
C LYS A 12 -2.12 8.69 11.80
N THR A 13 -3.16 8.67 12.61
CA THR A 13 -4.32 9.52 12.39
C THR A 13 -4.36 10.56 13.48
N VAL A 14 -4.48 11.83 13.10
CA VAL A 14 -4.44 12.94 14.05
C VAL A 14 -5.55 13.92 13.74
N LEU A 15 -6.01 14.61 14.78
CA LEU A 15 -6.95 15.71 14.70
C LEU A 15 -6.17 16.98 14.96
N LEU A 16 -6.11 17.85 13.97
CA LEU A 16 -5.43 19.14 14.09
C LEU A 16 -6.49 20.20 14.31
N GLN A 17 -6.32 20.97 15.37
CA GLN A 17 -7.24 22.08 15.64
C GLN A 17 -6.38 23.33 15.74
N LYS A 18 -6.53 24.25 14.80
CA LYS A 18 -5.68 25.45 14.81
C LYS A 18 -6.51 26.69 15.09
N LYS A 19 -5.80 27.78 15.37
CA LYS A 19 -6.36 29.11 15.47
C LYS A 19 -6.42 29.76 14.09
N ASP A 20 -7.29 30.77 13.96
CA ASP A 20 -7.40 31.50 12.70
C ASP A 20 -6.08 32.07 12.25
N SER A 21 -5.30 32.65 13.18
CA SER A 21 -4.08 33.38 12.85
C SER A 21 -2.84 32.47 12.82
N GLU A 22 -3.00 31.23 12.36
CA GLU A 22 -1.86 30.34 12.19
C GLU A 22 -2.22 29.32 11.13
N GLY A 23 -1.18 28.68 10.58
CA GLY A 23 -1.38 27.54 9.71
C GLY A 23 -1.36 26.26 10.50
N PHE A 24 -1.63 25.15 9.81
CA PHE A 24 -1.46 23.85 10.44
C PHE A 24 0.02 23.52 10.64
N GLY A 25 0.91 24.23 9.96
CA GLY A 25 2.33 24.08 10.19
C GLY A 25 2.97 22.94 9.44
N PHE A 26 2.56 22.73 8.19
CA PHE A 26 3.26 21.79 7.32
C PHE A 26 3.18 22.30 5.90
N VAL A 27 4.05 21.75 5.07
CA VAL A 27 4.05 22.04 3.64
C VAL A 27 3.83 20.72 2.92
N LEU A 28 2.78 20.66 2.12
CA LEU A 28 2.48 19.50 1.28
C LEU A 28 3.26 19.59 -0.02
N ARG A 29 3.73 18.43 -0.51
CA ARG A 29 4.34 18.37 -1.83
C ARG A 29 3.90 17.10 -2.54
N GLY A 30 3.70 17.19 -3.85
CA GLY A 30 3.35 16.02 -4.62
C GLY A 30 4.52 15.26 -5.22
N ALA A 31 4.66 13.99 -4.85
CA ALA A 31 5.65 13.11 -5.46
C ALA A 31 5.18 12.63 -6.83
N GLU A 39 -1.29 5.73 -14.92
CA GLU A 39 -1.97 6.21 -13.72
C GLU A 39 -1.20 5.74 -12.48
N PHE A 40 -1.42 6.41 -11.35
CA PHE A 40 -0.64 6.16 -10.14
C PHE A 40 -1.26 5.00 -9.34
N THR A 41 -0.45 3.98 -9.07
CA THR A 41 -0.85 2.89 -8.20
C THR A 41 0.02 2.88 -6.96
N PRO A 42 -0.57 2.97 -5.77
CA PRO A 42 0.23 2.98 -4.53
C PRO A 42 0.95 1.66 -4.33
N THR A 43 2.15 1.74 -3.76
CA THR A 43 2.94 0.59 -3.38
C THR A 43 3.36 0.74 -1.93
N PRO A 44 3.66 -0.37 -1.24
CA PRO A 44 4.06 -0.25 0.17
C PRO A 44 5.14 0.80 0.42
N ALA A 45 6.20 0.79 -0.39
CA ALA A 45 7.26 1.79 -0.26
C ALA A 45 6.81 3.18 -0.66
N PHE A 46 5.79 3.31 -1.51
CA PHE A 46 5.39 4.61 -2.07
C PHE A 46 3.86 4.72 -2.05
N PRO A 47 3.28 5.02 -0.88
CA PRO A 47 1.84 4.79 -0.68
C PRO A 47 0.91 5.89 -1.16
N ALA A 48 1.38 7.09 -1.50
CA ALA A 48 0.47 8.18 -1.83
C ALA A 48 1.22 9.24 -2.62
N LEU A 49 0.46 10.02 -3.41
CA LEU A 49 1.07 11.06 -4.24
C LEU A 49 1.57 12.24 -3.41
N GLN A 50 0.85 12.63 -2.36
CA GLN A 50 1.20 13.81 -1.59
C GLN A 50 1.90 13.40 -0.29
N TYR A 51 2.93 14.17 0.08
CA TYR A 51 3.62 13.91 1.33
C TYR A 51 4.01 15.23 2.00
N LEU A 52 4.35 15.14 3.26
CA LEU A 52 4.74 16.31 4.05
C LEU A 52 6.22 16.62 3.78
N GLU A 53 6.45 17.63 2.93
CA GLU A 53 7.81 18.06 2.64
C GLU A 53 8.50 18.61 3.87
N SER A 54 7.77 19.36 4.69
CA SER A 54 8.28 19.89 5.94
C SER A 54 7.15 20.05 6.94
N VAL A 55 7.52 20.03 8.22
CA VAL A 55 6.60 20.23 9.33
C VAL A 55 7.25 21.23 10.27
N ASP A 56 6.54 22.31 10.60
CA ASP A 56 7.11 23.31 11.52
C ASP A 56 7.28 22.73 12.91
N GLU A 57 8.51 22.71 13.41
CA GLU A 57 8.75 22.18 14.74
C GLU A 57 7.99 23.01 15.76
N GLY A 58 7.23 22.33 16.61
CA GLY A 58 6.38 22.99 17.59
C GLY A 58 5.07 23.54 17.06
N GLY A 59 4.80 23.44 15.76
CA GLY A 59 3.53 23.87 15.23
C GLY A 59 2.43 22.85 15.49
N VAL A 60 1.23 23.17 14.99
CA VAL A 60 0.04 22.37 15.29
C VAL A 60 0.24 20.94 14.84
N ALA A 61 0.69 20.74 13.60
CA ALA A 61 0.92 19.41 13.05
C ALA A 61 2.00 18.67 13.81
N TRP A 62 3.13 19.34 14.08
CA TRP A 62 4.21 18.70 14.82
C TRP A 62 3.72 18.22 16.19
N ARG A 63 2.96 19.06 16.90
CA ARG A 63 2.54 18.70 18.26
C ARG A 63 1.62 17.48 18.25
N ALA A 64 0.86 17.29 17.18
CA ALA A 64 -0.04 16.15 17.08
C ALA A 64 0.67 14.88 16.62
N GLY A 65 1.91 14.98 16.15
CA GLY A 65 2.65 13.78 15.76
C GLY A 65 3.00 13.65 14.30
N LEU A 66 2.71 14.66 13.48
CA LEU A 66 3.08 14.58 12.08
C LEU A 66 4.53 14.98 11.90
N ARG A 67 5.16 14.43 10.85
CA ARG A 67 6.60 14.60 10.65
C ARG A 67 6.90 14.72 9.18
N MET A 68 8.00 15.41 8.86
CA MET A 68 8.48 15.45 7.49
C MET A 68 8.61 14.02 6.96
N GLY A 69 8.18 13.84 5.70
CA GLY A 69 8.23 12.53 5.06
C GLY A 69 6.96 11.70 5.15
N ASP A 70 6.02 12.03 6.03
CA ASP A 70 4.78 11.28 6.13
C ASP A 70 4.02 11.39 4.83
N PHE A 71 3.40 10.28 4.40
CA PHE A 71 2.57 10.25 3.20
C PHE A 71 1.12 10.48 3.58
N LEU A 72 0.42 11.31 2.81
CA LEU A 72 -0.95 11.63 3.16
C LEU A 72 -1.93 10.62 2.54
N ILE A 73 -2.65 9.90 3.39
CA ILE A 73 -3.59 8.86 2.97
C ILE A 73 -5.03 9.37 2.94
N GLU A 74 -5.42 10.10 3.99
CA GLU A 74 -6.81 10.55 4.10
C GLU A 74 -6.85 11.97 4.66
N VAL A 75 -7.86 12.72 4.18
CA VAL A 75 -8.20 14.05 4.70
C VAL A 75 -9.70 14.07 5.01
N ASN A 76 -10.03 14.23 6.29
CA ASN A 76 -11.41 14.37 6.72
C ASN A 76 -12.29 13.25 6.16
N GLY A 77 -11.80 12.02 6.26
CA GLY A 77 -12.59 10.86 5.91
C GLY A 77 -12.55 10.49 4.46
N GLN A 78 -11.80 11.22 3.64
CA GLN A 78 -11.74 10.98 2.21
C GLN A 78 -10.33 10.50 1.87
N ASN A 79 -10.25 9.42 1.10
CA ASN A 79 -8.95 8.88 0.73
C ASN A 79 -8.34 9.73 -0.39
N VAL A 80 -7.12 10.19 -0.18
CA VAL A 80 -6.48 11.11 -1.12
C VAL A 80 -5.22 10.49 -1.71
N VAL A 81 -5.07 9.17 -1.57
CA VAL A 81 -3.89 8.46 -2.07
C VAL A 81 -3.61 8.82 -3.52
N LYS A 82 -4.65 8.87 -4.33
CA LYS A 82 -4.50 9.07 -5.76
C LYS A 82 -4.91 10.47 -6.22
N VAL A 83 -5.02 11.44 -5.32
CA VAL A 83 -5.64 12.73 -5.62
C VAL A 83 -4.56 13.78 -5.84
N GLY A 84 -4.82 14.68 -6.79
CA GLY A 84 -3.83 15.67 -7.19
C GLY A 84 -3.61 16.75 -6.15
N HIS A 85 -2.48 17.43 -6.27
CA HIS A 85 -2.01 18.35 -5.23
C HIS A 85 -3.03 19.46 -4.95
N ARG A 86 -3.43 20.20 -5.99
CA ARG A 86 -4.36 21.30 -5.81
C ARG A 86 -5.67 20.84 -5.19
N GLN A 87 -6.19 19.68 -5.64
CA GLN A 87 -7.41 19.14 -5.06
C GLN A 87 -7.23 18.85 -3.56
N VAL A 88 -6.12 18.21 -3.19
CA VAL A 88 -5.91 17.92 -1.77
C VAL A 88 -5.84 19.20 -0.95
N VAL A 89 -5.13 20.21 -1.45
CA VAL A 89 -5.04 21.46 -0.72
C VAL A 89 -6.42 22.07 -0.51
N ASN A 90 -7.25 22.05 -1.57
CA ASN A 90 -8.62 22.57 -1.45
C ASN A 90 -9.43 21.77 -0.41
N MET A 91 -9.24 20.44 -0.36
CA MET A 91 -9.95 19.65 0.65
C MET A 91 -9.51 20.04 2.06
N ILE A 92 -8.20 20.26 2.24
CA ILE A 92 -7.71 20.69 3.55
C ILE A 92 -8.30 22.03 3.93
N ARG A 93 -8.38 22.96 2.99
CA ARG A 93 -8.92 24.28 3.27
C ARG A 93 -10.43 24.25 3.53
N GLN A 94 -11.14 23.24 3.02
CA GLN A 94 -12.58 23.18 3.24
C GLN A 94 -12.91 23.02 4.71
N GLY A 95 -11.99 22.46 5.49
CA GLY A 95 -12.24 22.21 6.90
C GLY A 95 -12.02 23.40 7.81
N GLY A 96 -11.49 24.48 7.29
CA GLY A 96 -11.23 25.65 8.13
C GLY A 96 -10.13 25.41 9.15
N ASN A 97 -10.44 25.61 10.43
CA ASN A 97 -9.44 25.45 11.49
C ASN A 97 -9.33 24.02 11.99
N THR A 98 -10.06 23.09 11.40
CA THR A 98 -10.03 21.71 11.85
C THR A 98 -9.60 20.83 10.69
N LEU A 99 -8.70 19.90 10.97
CA LEU A 99 -8.26 18.96 9.94
C LEU A 99 -8.00 17.62 10.60
N MET A 100 -8.67 16.58 10.14
CA MET A 100 -8.35 15.21 10.51
C MET A 100 -7.61 14.58 9.33
N VAL A 101 -6.39 14.10 9.56
CA VAL A 101 -5.66 13.43 8.50
C VAL A 101 -5.18 12.07 8.96
N LYS A 102 -5.07 11.16 8.01
CA LYS A 102 -4.33 9.92 8.21
C LYS A 102 -3.09 9.97 7.34
N VAL A 103 -1.94 9.68 7.92
CA VAL A 103 -0.69 9.59 7.20
C VAL A 103 -0.05 8.22 7.49
N VAL A 104 0.96 7.87 6.70
CA VAL A 104 1.79 6.71 6.98
C VAL A 104 3.26 7.14 6.88
N MET A 105 4.05 6.70 7.84
CA MET A 105 5.49 6.90 7.80
C MET A 105 6.11 5.58 7.35
N VAL A 106 6.95 5.65 6.33
CA VAL A 106 7.64 4.48 5.78
C VAL A 106 9.10 4.58 6.16
N THR A 107 9.60 3.55 6.81
CA THR A 107 11.02 3.38 7.03
C THR A 107 11.51 2.30 6.07
N ARG A 108 12.49 2.63 5.23
CA ARG A 108 12.94 1.70 4.21
C ARG A 108 14.30 1.10 4.57
N GLY B 1 1.27 1.96 17.19
CA GLY B 1 1.43 2.91 18.27
C GLY B 1 0.09 3.53 18.66
N PRO B 2 0.13 4.57 19.50
CA PRO B 2 -1.13 5.19 19.93
C PRO B 2 -1.85 5.97 18.84
N LEU B 3 -1.20 6.28 17.72
CA LEU B 3 -1.85 7.01 16.63
C LEU B 3 -2.35 6.09 15.53
N GLY B 4 -2.10 4.79 15.61
CA GLY B 4 -2.52 3.90 14.56
C GLY B 4 -1.69 2.64 14.51
N SER B 5 -2.11 1.76 13.60
CA SER B 5 -1.52 0.44 13.46
C SER B 5 -0.15 0.50 12.82
N ASP B 6 0.76 -0.34 13.30
CA ASP B 6 2.07 -0.46 12.69
C ASP B 6 2.16 -1.82 12.01
N TYR B 7 2.85 -1.87 10.87
CA TYR B 7 2.94 -3.08 10.08
C TYR B 7 4.38 -3.33 9.68
N ILE B 8 4.75 -4.61 9.63
CA ILE B 8 5.99 -5.05 9.01
C ILE B 8 5.64 -5.51 7.60
N ILE B 9 6.28 -4.91 6.61
CA ILE B 9 6.07 -5.22 5.19
C ILE B 9 7.31 -5.95 4.69
N LYS B 10 7.10 -7.11 4.09
CA LYS B 10 8.21 -7.90 3.54
C LYS B 10 7.90 -8.17 2.08
N GLU B 11 8.67 -7.52 1.18
CA GLU B 11 8.49 -7.73 -0.25
C GLU B 11 9.29 -8.92 -0.74
N LYS B 12 8.67 -9.75 -1.58
CA LYS B 12 9.31 -10.93 -2.13
C LYS B 12 9.07 -10.98 -3.62
N THR B 13 10.13 -10.94 -4.41
CA THR B 13 10.02 -11.20 -5.82
C THR B 13 10.69 -12.53 -6.14
N VAL B 14 9.97 -13.42 -6.84
CA VAL B 14 10.52 -14.75 -7.12
C VAL B 14 10.27 -15.14 -8.56
N LEU B 15 11.15 -15.98 -9.07
CA LEU B 15 11.04 -16.63 -10.37
C LEU B 15 10.64 -18.07 -10.12
N LEU B 16 9.42 -18.44 -10.51
CA LEU B 16 8.95 -19.82 -10.47
C LEU B 16 9.14 -20.48 -11.82
N GLN B 17 9.78 -21.64 -11.82
CA GLN B 17 9.95 -22.43 -13.04
C GLN B 17 9.42 -23.82 -12.70
N LYS B 18 8.30 -24.20 -13.28
CA LYS B 18 7.70 -25.49 -12.94
C LYS B 18 7.85 -26.46 -14.10
N LYS B 19 7.54 -27.74 -13.83
CA LYS B 19 7.43 -28.77 -14.85
C LYS B 19 6.02 -28.80 -15.40
N ASP B 20 5.89 -29.32 -16.62
CA ASP B 20 4.58 -29.40 -17.26
C ASP B 20 3.57 -30.10 -16.38
N SER B 21 3.98 -31.21 -15.75
CA SER B 21 3.07 -32.08 -14.99
C SER B 21 2.89 -31.64 -13.54
N GLU B 22 2.94 -30.35 -13.27
CA GLU B 22 2.66 -29.85 -11.93
C GLU B 22 2.17 -28.41 -12.05
N GLY B 23 1.49 -27.93 -11.01
CA GLY B 23 1.17 -26.52 -10.88
C GLY B 23 2.28 -25.77 -10.16
N PHE B 24 2.11 -24.44 -10.08
CA PHE B 24 3.05 -23.64 -9.30
C PHE B 24 2.88 -23.87 -7.80
N GLY B 25 1.79 -24.51 -7.40
CA GLY B 25 1.66 -24.91 -6.01
C GLY B 25 1.08 -23.86 -5.10
N PHE B 26 0.16 -23.03 -5.61
CA PHE B 26 -0.58 -22.13 -4.74
C PHE B 26 -2.00 -22.00 -5.26
N VAL B 27 -2.89 -21.57 -4.39
CA VAL B 27 -4.23 -21.20 -4.78
C VAL B 27 -4.38 -19.70 -4.56
N LEU B 28 -4.84 -19.02 -5.57
CA LEU B 28 -5.11 -17.60 -5.50
C LEU B 28 -6.55 -17.38 -5.07
N ARG B 29 -6.78 -16.34 -4.27
CA ARG B 29 -8.15 -15.95 -3.92
C ARG B 29 -8.25 -14.44 -3.96
N GLY B 30 -9.39 -13.95 -4.44
CA GLY B 30 -9.65 -12.52 -4.39
C GLY B 30 -10.16 -12.10 -3.03
N ALA B 31 -9.58 -11.03 -2.47
CA ALA B 31 -10.09 -10.52 -1.20
C ALA B 31 -11.46 -9.89 -1.36
N LYS B 32 -11.74 -9.30 -2.53
CA LYS B 32 -13.10 -8.93 -2.90
C LYS B 32 -13.17 -8.88 -4.42
N ALA B 33 -14.38 -8.74 -4.95
CA ALA B 33 -14.54 -8.70 -6.39
C ALA B 33 -14.06 -7.37 -6.94
N GLN B 34 -13.40 -7.42 -8.10
CA GLN B 34 -13.11 -6.21 -8.85
C GLN B 34 -14.38 -5.73 -9.54
N THR B 35 -14.62 -4.43 -9.50
CA THR B 35 -15.79 -3.81 -10.10
C THR B 35 -15.35 -2.74 -11.08
N PRO B 36 -15.91 -2.69 -12.29
CA PRO B 36 -15.62 -1.54 -13.15
C PRO B 36 -16.10 -0.22 -12.54
N ILE B 37 -16.97 -0.26 -11.52
CA ILE B 37 -17.59 0.97 -11.03
C ILE B 37 -16.62 1.78 -10.16
N GLU B 38 -15.73 1.13 -9.41
CA GLU B 38 -14.76 1.88 -8.64
C GLU B 38 -13.45 1.11 -8.59
N GLU B 39 -12.35 1.84 -8.62
CA GLU B 39 -11.05 1.21 -8.56
C GLU B 39 -10.77 0.75 -7.15
N PHE B 40 -10.15 -0.42 -7.02
CA PHE B 40 -9.59 -0.81 -5.74
C PHE B 40 -8.55 0.22 -5.33
N THR B 41 -8.54 0.58 -4.05
CA THR B 41 -7.48 1.45 -3.55
C THR B 41 -6.65 0.67 -2.53
N PRO B 42 -5.38 0.41 -2.80
CA PRO B 42 -4.55 -0.32 -1.86
C PRO B 42 -4.30 0.46 -0.59
N THR B 43 -4.13 -0.26 0.51
CA THR B 43 -3.79 0.30 1.80
C THR B 43 -2.72 -0.59 2.42
N PRO B 44 -1.96 -0.09 3.39
CA PRO B 44 -0.96 -0.96 4.05
C PRO B 44 -1.50 -2.31 4.49
N ALA B 45 -2.63 -2.34 5.19
CA ALA B 45 -3.19 -3.60 5.66
C ALA B 45 -3.78 -4.44 4.52
N PHE B 46 -4.12 -3.82 3.40
CA PHE B 46 -4.90 -4.44 2.33
C PHE B 46 -4.31 -3.97 1.00
N PRO B 47 -3.14 -4.49 0.62
CA PRO B 47 -2.39 -3.87 -0.49
C PRO B 47 -2.73 -4.36 -1.88
N ALA B 48 -3.52 -5.42 -2.03
CA ALA B 48 -3.85 -5.92 -3.35
C ALA B 48 -5.11 -6.76 -3.27
N LEU B 49 -5.82 -6.86 -4.41
CA LEU B 49 -7.06 -7.64 -4.46
C LEU B 49 -6.81 -9.15 -4.33
N GLN B 50 -5.73 -9.67 -4.92
CA GLN B 50 -5.51 -11.12 -4.91
C GLN B 50 -4.46 -11.49 -3.88
N TYR B 51 -4.68 -12.63 -3.22
CA TYR B 51 -3.70 -13.12 -2.26
C TYR B 51 -3.62 -14.64 -2.36
N LEU B 52 -2.55 -15.18 -1.77
CA LEU B 52 -2.30 -16.62 -1.76
C LEU B 52 -3.10 -17.25 -0.64
N GLU B 53 -4.23 -17.87 -1.00
CA GLU B 53 -5.08 -18.51 0.00
C GLU B 53 -4.41 -19.75 0.57
N SER B 54 -3.66 -20.50 -0.26
CA SER B 54 -2.86 -21.59 0.24
C SER B 54 -1.61 -21.73 -0.64
N VAL B 55 -0.59 -22.35 -0.07
CA VAL B 55 0.65 -22.65 -0.78
C VAL B 55 1.05 -24.06 -0.41
N ASP B 56 1.19 -24.94 -1.42
CA ASP B 56 1.54 -26.34 -1.16
C ASP B 56 2.93 -26.44 -0.56
N GLU B 57 3.02 -26.93 0.68
CA GLU B 57 4.33 -27.10 1.27
C GLU B 57 5.17 -28.01 0.38
N GLY B 58 6.38 -27.55 0.06
CA GLY B 58 7.28 -28.33 -0.77
C GLY B 58 7.09 -28.15 -2.25
N GLY B 59 6.04 -27.45 -2.69
CA GLY B 59 5.85 -27.21 -4.10
C GLY B 59 6.72 -26.07 -4.62
N VAL B 60 6.50 -25.75 -5.89
CA VAL B 60 7.36 -24.78 -6.58
C VAL B 60 7.34 -23.43 -5.89
N ALA B 61 6.15 -22.86 -5.66
CA ALA B 61 6.02 -21.57 -4.96
C ALA B 61 6.62 -21.63 -3.57
N TRP B 62 6.34 -22.70 -2.81
CA TRP B 62 6.85 -22.80 -1.45
C TRP B 62 8.37 -22.75 -1.42
N ARG B 63 9.03 -23.52 -2.29
CA ARG B 63 10.48 -23.57 -2.28
C ARG B 63 11.09 -22.23 -2.67
N ALA B 64 10.40 -21.46 -3.50
CA ALA B 64 10.86 -20.12 -3.85
C ALA B 64 10.66 -19.10 -2.76
N GLY B 65 9.84 -19.38 -1.74
CA GLY B 65 9.65 -18.48 -0.62
C GLY B 65 8.26 -17.88 -0.48
N LEU B 66 7.31 -18.25 -1.32
CA LEU B 66 5.96 -17.71 -1.23
C LEU B 66 5.18 -18.44 -0.15
N ARG B 67 4.27 -17.71 0.51
CA ARG B 67 3.59 -18.25 1.69
C ARG B 67 2.12 -17.86 1.68
N MET B 68 1.32 -18.71 2.34
CA MET B 68 -0.09 -18.41 2.52
C MET B 68 -0.25 -17.02 3.10
N GLY B 69 -1.12 -16.22 2.51
CA GLY B 69 -1.36 -14.87 2.98
C GLY B 69 -0.62 -13.77 2.24
N ASP B 70 0.38 -14.09 1.43
CA ASP B 70 1.07 -13.07 0.67
C ASP B 70 0.10 -12.41 -0.31
N PHE B 71 0.20 -11.11 -0.44
CA PHE B 71 -0.62 -10.35 -1.40
C PHE B 71 0.12 -10.22 -2.73
N LEU B 72 -0.59 -10.41 -3.84
CA LEU B 72 0.05 -10.44 -5.15
C LEU B 72 0.08 -9.03 -5.73
N ILE B 73 1.29 -8.50 -5.94
CA ILE B 73 1.50 -7.14 -6.45
C ILE B 73 1.75 -7.12 -7.95
N GLU B 74 2.59 -8.03 -8.46
CA GLU B 74 2.94 -8.03 -9.88
C GLU B 74 3.01 -9.46 -10.40
N VAL B 75 2.67 -9.59 -11.68
CA VAL B 75 2.82 -10.86 -12.42
C VAL B 75 3.54 -10.55 -13.72
N ASN B 76 4.74 -11.14 -13.90
CA ASN B 76 5.52 -11.00 -15.13
C ASN B 76 5.63 -9.54 -15.58
N GLY B 77 5.95 -8.68 -14.61
CA GLY B 77 6.21 -7.29 -14.89
C GLY B 77 4.99 -6.41 -15.00
N GLN B 78 3.79 -6.94 -14.81
CA GLN B 78 2.56 -6.17 -14.85
C GLN B 78 1.99 -6.04 -13.44
N ASN B 79 1.65 -4.82 -13.04
CA ASN B 79 1.06 -4.62 -11.73
C ASN B 79 -0.37 -5.15 -11.72
N VAL B 80 -0.70 -5.95 -10.71
CA VAL B 80 -2.01 -6.59 -10.63
C VAL B 80 -2.75 -6.23 -9.35
N VAL B 81 -2.28 -5.19 -8.66
CA VAL B 81 -2.86 -4.77 -7.39
C VAL B 81 -4.37 -4.58 -7.51
N LYS B 82 -4.81 -3.95 -8.61
CA LYS B 82 -6.20 -3.59 -8.80
C LYS B 82 -6.96 -4.54 -9.72
N VAL B 83 -6.38 -5.67 -10.07
CA VAL B 83 -6.89 -6.50 -11.15
C VAL B 83 -7.72 -7.65 -10.59
N GLY B 84 -8.79 -7.99 -11.29
CA GLY B 84 -9.72 -9.01 -10.82
C GLY B 84 -9.16 -10.42 -10.97
N HIS B 85 -9.85 -11.35 -10.29
CA HIS B 85 -9.32 -12.70 -10.12
C HIS B 85 -9.10 -13.40 -11.46
N ARG B 86 -10.15 -13.52 -12.28
CA ARG B 86 -10.02 -14.29 -13.51
C ARG B 86 -8.97 -13.69 -14.45
N GLN B 87 -8.85 -12.36 -14.47
CA GLN B 87 -7.81 -11.74 -15.28
C GLN B 87 -6.43 -12.12 -14.76
N VAL B 88 -6.22 -12.07 -13.45
CA VAL B 88 -4.89 -12.43 -12.94
C VAL B 88 -4.57 -13.90 -13.26
N VAL B 89 -5.55 -14.78 -13.10
CA VAL B 89 -5.34 -16.20 -13.41
C VAL B 89 -4.91 -16.35 -14.86
N ASN B 90 -5.52 -15.60 -15.77
CA ASN B 90 -5.15 -15.65 -17.18
C ASN B 90 -3.71 -15.15 -17.38
N MET B 91 -3.35 -14.06 -16.70
CA MET B 91 -1.97 -13.56 -16.81
C MET B 91 -0.97 -14.60 -16.33
N ILE B 92 -1.28 -15.31 -15.24
CA ILE B 92 -0.37 -16.36 -14.79
C ILE B 92 -0.26 -17.49 -15.81
N ARG B 93 -1.39 -17.91 -16.40
CA ARG B 93 -1.34 -19.02 -17.36
C ARG B 93 -0.63 -18.64 -18.65
N GLN B 94 -0.46 -17.34 -18.94
CA GLN B 94 0.14 -16.95 -20.20
C GLN B 94 1.63 -17.27 -20.25
N GLY B 95 2.30 -17.31 -19.11
CA GLY B 95 3.71 -17.65 -19.13
C GLY B 95 4.05 -19.14 -19.14
N GLY B 96 3.06 -20.01 -19.24
CA GLY B 96 3.35 -21.45 -19.27
C GLY B 96 4.04 -21.93 -17.99
N ASN B 97 5.24 -22.48 -18.14
CA ASN B 97 5.92 -23.04 -16.97
C ASN B 97 6.76 -22.04 -16.22
N THR B 98 6.74 -20.77 -16.62
CA THR B 98 7.54 -19.72 -16.00
C THR B 98 6.61 -18.64 -15.46
N LEU B 99 6.86 -18.22 -14.23
CA LEU B 99 6.05 -17.16 -13.62
C LEU B 99 6.97 -16.36 -12.70
N MET B 100 7.07 -15.06 -12.96
CA MET B 100 7.73 -14.13 -12.04
C MET B 100 6.66 -13.34 -11.32
N VAL B 101 6.69 -13.38 -9.99
CA VAL B 101 5.72 -12.63 -9.21
C VAL B 101 6.43 -11.80 -8.15
N LYS B 102 5.84 -10.64 -7.85
CA LYS B 102 6.17 -9.88 -6.66
C LYS B 102 4.99 -9.96 -5.71
N VAL B 103 5.25 -10.34 -4.46
CA VAL B 103 4.22 -10.34 -3.43
C VAL B 103 4.70 -9.50 -2.25
N VAL B 104 3.77 -9.21 -1.33
CA VAL B 104 4.12 -8.58 -0.06
C VAL B 104 3.45 -9.36 1.07
N MET B 105 4.22 -9.66 2.10
CA MET B 105 3.69 -10.23 3.32
C MET B 105 3.51 -9.09 4.32
N VAL B 106 2.31 -8.96 4.86
CA VAL B 106 1.97 -7.89 5.78
C VAL B 106 1.69 -8.51 7.13
N THR B 107 2.32 -7.99 8.17
CA THR B 107 2.05 -8.50 9.51
C THR B 107 1.95 -7.31 10.45
N ARG B 108 0.89 -7.29 11.24
CA ARG B 108 0.72 -6.20 12.20
C ARG B 108 1.72 -6.35 13.35
N HIS B 109 2.24 -5.21 13.82
CA HIS B 109 3.12 -5.04 15.00
C HIS B 109 4.61 -5.13 14.68
C14 PWT C . 3.93 24.15 -1.92
C15 PWT C . 4.77 23.14 -2.67
C16 PWT C . 3.96 22.41 -3.72
C17 PWT C . 4.79 21.39 -4.48
C18 PWT C . 3.94 20.62 -5.46
C19 PWT C . 1.56 21.51 -7.84
C20 PWT C . 1.03 21.22 -9.17
C21 PWT C . 0.04 22.09 -9.63
C22 PWT C . -0.52 21.93 -10.88
O3 PWT C . 4.17 25.35 -1.95
O4 PWT C . 3.96 19.39 -5.55
O5 PWT C . 3.25 18.78 -10.66
O6 PWT C . 2.52 18.55 -8.58
C23 PWT C . -0.11 20.90 -11.70
C24 PWT C . 0.88 20.05 -11.27
C25 PWT C . 1.45 20.17 -10.01
C26 PWT C . 2.50 19.12 -9.76
N7 PWT C . 3.10 21.35 -6.20
N8 PWT C . 2.49 20.81 -7.31
N THR D . 2.90 23.65 -1.23
CA THR D . 1.96 24.52 -0.54
C THR D . 2.08 24.42 0.97
O THR D . 1.85 23.36 1.56
CB THR D . 0.52 24.28 -1.02
OG1 THR D . 0.51 24.13 -2.45
CG2 THR D . -0.42 25.38 -0.61
N ARG E . 2.41 25.56 1.59
CA ARG E . 2.35 25.73 3.04
C ARG E . 0.90 25.83 3.52
O ARG E . 0.08 26.49 2.90
CB ARG E . 3.17 26.95 3.47
CG ARG E . 3.04 27.30 4.94
CD ARG E . 4.04 28.32 5.43
NE ARG E . 5.36 27.75 5.69
CZ ARG E . 5.63 26.90 6.66
NH1 ARG E . 6.84 26.38 6.77
NH2 ARG E . 4.70 26.57 7.53
N LEU F . 0.59 25.15 4.63
CA LEU F . -0.75 25.05 5.16
C LEU F . -0.80 25.28 6.68
O LEU F . -1.92 25.42 7.22
CB LEU F . -1.36 23.68 4.84
CG LEU F . -1.68 23.46 3.36
CD1 LEU F . -2.82 24.36 2.93
CD2 LEU F . -2.00 22.00 3.08
OXT LEU F . 0.31 25.31 7.28
C14 PWT G . -9.66 -20.91 -6.34
C15 PWT G . -10.22 -19.99 -5.28
C16 PWT G . -10.76 -18.72 -5.90
C17 PWT G . -11.37 -17.78 -4.89
C18 PWT G . -11.98 -16.59 -5.60
C19 PWT G . -13.81 -16.39 -8.56
C20 PWT G . -14.44 -15.52 -9.55
C21 PWT G . -14.85 -16.09 -10.74
C22 PWT G . -15.45 -15.36 -11.74
O3 PWT G . -10.07 -22.06 -6.50
O4 PWT G . -11.79 -15.43 -5.28
O5 PWT G . -13.83 -12.21 -8.26
O6 PWT G . -14.65 -13.83 -6.97
C23 PWT G . -15.68 -14.02 -11.55
C24 PWT G . -15.30 -13.42 -10.37
C25 PWT G . -14.69 -14.15 -9.34
C26 PWT G . -14.33 -13.32 -8.13
N7 PWT G . -12.74 -16.90 -6.68
N8 PWT G . -13.18 -15.95 -7.55
N THR H . -8.70 -20.39 -7.12
CA THR H . -8.20 -21.08 -8.30
C THR H . -6.83 -21.68 -8.03
O THR H . -5.87 -20.97 -7.76
CB THR H . -8.11 -20.09 -9.48
OG1 THR H . -9.38 -19.48 -9.69
CG2 THR H . -7.64 -20.77 -10.75
N ARG I . -6.76 -23.02 -8.13
CA ARG I . -5.49 -23.73 -8.01
C ARG I . -4.62 -23.55 -9.26
O ARG I . -5.09 -23.77 -10.37
CB ARG I . -5.73 -25.21 -7.69
CG ARG I . -4.44 -26.02 -7.66
CD ARG I . -4.63 -27.43 -7.11
NE ARG I . -4.59 -27.48 -5.66
CZ ARG I . -3.51 -27.28 -4.91
NH1 ARG I . -2.37 -26.92 -5.47
NH2 ARG I . -3.57 -27.45 -3.60
N LEU J . -3.37 -23.13 -9.06
CA LEU J . -2.46 -22.86 -10.15
C LEU J . -1.12 -23.60 -9.99
O LEU J . -0.92 -24.20 -8.91
CB LEU J . -2.19 -21.35 -10.27
CG LEU J . -3.37 -20.53 -10.79
CD1 LEU J . -3.19 -19.06 -10.43
CD2 LEU J . -3.52 -20.68 -12.30
OXT LEU J . -0.32 -23.56 -10.96
#